data_2GFR
#
_entry.id   2GFR
#
_entity_poly.entity_id   1
_entity_poly.type   'polypeptide(L)'
_entity_poly.pdbx_seq_one_letter_code
;(PCA)PDPNAFYGLM
;
_entity_poly.pdbx_strand_id   A
#
# COMPACT_ATOMS: atom_id res chain seq x y z
N PCA A 1 0.36 -3.56 -4.33
CA PCA A 1 -0.28 -4.79 -3.93
CB PCA A 1 0.83 -5.60 -3.21
CG PCA A 1 1.85 -4.52 -2.81
CD PCA A 1 1.53 -3.36 -3.74
OE PCA A 1 2.31 -2.44 -3.96
C PCA A 1 -1.48 -4.54 -3.01
O PCA A 1 -1.72 -3.40 -2.62
H PCA A 1 -0.04 -2.94 -5.03
HA PCA A 1 -0.62 -5.34 -4.81
HB2 PCA A 1 1.29 -6.27 -3.94
HB3 PCA A 1 0.46 -6.16 -2.35
HG2 PCA A 1 2.87 -4.88 -2.95
HG3 PCA A 1 1.69 -4.22 -1.78
N PRO A 2 -2.23 -5.63 -2.69
CA PRO A 2 -3.40 -5.51 -1.85
C PRO A 2 -3.00 -5.32 -0.38
N ASP A 3 -1.70 -5.29 -0.16
CA ASP A 3 -1.18 -5.10 1.19
C ASP A 3 -1.45 -3.68 1.66
N PRO A 4 -1.76 -3.55 2.98
CA PRO A 4 -2.05 -2.25 3.56
C PRO A 4 -0.77 -1.43 3.74
N ASN A 5 0.33 -2.15 3.91
CA ASN A 5 1.62 -1.50 4.09
C ASN A 5 2.06 -0.85 2.78
N ALA A 6 1.93 -1.63 1.71
CA ALA A 6 2.31 -1.14 0.39
C ALA A 6 1.23 -0.18 -0.12
N PHE A 7 0.04 -0.32 0.45
CA PHE A 7 -1.08 0.53 0.06
C PHE A 7 -0.82 1.99 0.46
N TYR A 8 -0.01 2.15 1.49
CA TYR A 8 0.32 3.48 1.98
C TYR A 8 1.32 4.17 1.05
N GLY A 9 2.09 3.35 0.36
CA GLY A 9 3.09 3.87 -0.58
C GLY A 9 2.43 4.39 -1.85
N LEU A 10 1.23 3.91 -2.09
CA LEU A 10 0.47 4.32 -3.27
C LEU A 10 0.27 5.83 -3.24
N MET A 11 0.34 6.38 -2.04
CA MET A 11 0.16 7.82 -1.86
C MET A 11 1.48 8.56 -2.11
N PCA A 1 0.23 -3.40 -4.41
CA PCA A 1 -0.35 -4.67 -4.01
CB PCA A 1 0.79 -5.45 -3.34
CG PCA A 1 1.79 -4.35 -2.94
CD PCA A 1 1.41 -3.19 -3.84
OE PCA A 1 2.16 -2.24 -4.06
C PCA A 1 -1.54 -4.46 -3.06
O PCA A 1 -1.81 -3.34 -2.65
H PCA A 1 -0.19 -2.79 -5.08
HA PCA A 1 -0.69 -5.21 -4.90
HB2 PCA A 1 1.26 -6.09 -4.08
HB3 PCA A 1 0.47 -6.04 -2.49
HG2 PCA A 1 2.82 -4.67 -3.12
HG3 PCA A 1 1.65 -4.07 -1.90
N PRO A 2 -2.25 -5.59 -2.74
CA PRO A 2 -3.40 -5.52 -1.87
C PRO A 2 -2.98 -5.35 -0.41
N ASP A 3 -1.66 -5.28 -0.22
CA ASP A 3 -1.12 -5.10 1.12
C ASP A 3 -1.42 -3.69 1.62
N PRO A 4 -1.74 -3.61 2.94
CA PRO A 4 -2.06 -2.33 3.55
C PRO A 4 -0.80 -1.49 3.76
N ASN A 5 0.32 -2.19 3.96
CA ASN A 5 1.59 -1.53 4.17
C ASN A 5 2.04 -0.86 2.87
N ALA A 6 1.94 -1.63 1.79
CA ALA A 6 2.33 -1.13 0.48
C ALA A 6 1.26 -0.16 -0.04
N PHE A 7 0.06 -0.33 0.49
CA PHE A 7 -1.05 0.52 0.10
C PHE A 7 -0.81 1.97 0.49
N TYR A 8 -0.02 2.14 1.55
CA TYR A 8 0.30 3.48 2.04
C TYR A 8 1.32 4.16 1.12
N GLY A 9 2.10 3.34 0.44
CA GLY A 9 3.12 3.85 -0.47
C GLY A 9 2.48 4.37 -1.76
N LEU A 10 1.27 3.90 -2.02
CA LEU A 10 0.54 4.31 -3.22
C LEU A 10 0.32 5.82 -3.17
N MET A 11 0.37 6.37 -1.97
CA MET A 11 0.18 7.80 -1.79
C MET A 11 1.51 8.54 -1.86
N PCA A 1 -1.54 -3.77 -5.36
CA PCA A 1 -0.93 -3.99 -4.05
CB PCA A 1 -0.21 -2.66 -3.73
CG PCA A 1 -0.92 -1.63 -4.64
CD PCA A 1 -1.56 -2.50 -5.71
OE PCA A 1 -1.94 -2.05 -6.79
C PCA A 1 -1.97 -4.34 -3.00
O PCA A 1 -2.62 -3.45 -2.45
H PCA A 1 -1.86 -4.53 -5.94
HA PCA A 1 -0.19 -4.80 -4.12
HB2 PCA A 1 0.83 -2.74 -4.05
HB3 PCA A 1 -0.27 -2.38 -2.68
HG2 PCA A 1 -0.21 -0.93 -5.06
HG3 PCA A 1 -1.70 -1.12 -4.08
N PRO A 2 -2.12 -5.67 -2.74
CA PRO A 2 -3.08 -6.14 -1.77
C PRO A 2 -2.60 -5.89 -0.34
N ASP A 3 -1.37 -5.41 -0.24
CA ASP A 3 -0.78 -5.11 1.05
C ASP A 3 -1.22 -3.72 1.50
N PRO A 4 -1.66 -3.63 2.78
CA PRO A 4 -2.11 -2.38 3.35
C PRO A 4 -0.92 -1.47 3.67
N ASN A 5 0.20 -2.11 3.99
CA ASN A 5 1.40 -1.38 4.32
C ASN A 5 1.95 -0.70 3.06
N ALA A 6 1.99 -1.48 1.98
CA ALA A 6 2.50 -0.97 0.71
C ALA A 6 1.43 -0.07 0.08
N PHE A 7 0.20 -0.29 0.50
CA PHE A 7 -0.91 0.50 -0.02
C PHE A 7 -0.78 1.96 0.38
N TYR A 8 -0.11 2.18 1.50
CA TYR A 8 0.09 3.54 2.00
C TYR A 8 1.16 4.27 1.18
N GLY A 9 2.04 3.49 0.59
CA GLY A 9 3.12 4.04 -0.22
C GLY A 9 2.59 4.51 -1.57
N LEU A 10 1.43 3.98 -1.94
CA LEU A 10 0.82 4.34 -3.21
C LEU A 10 0.57 5.85 -3.23
N MET A 11 0.49 6.43 -2.05
CA MET A 11 0.25 7.86 -1.92
C MET A 11 1.51 8.65 -2.28
N PCA A 1 -1.66 -3.51 -5.35
CA PCA A 1 -1.04 -3.67 -4.04
CB PCA A 1 -0.47 -2.28 -3.69
CG PCA A 1 -1.27 -1.33 -4.59
CD PCA A 1 -1.81 -2.23 -5.68
OE PCA A 1 -2.23 -1.81 -6.77
C PCA A 1 -2.05 -4.16 -3.00
O PCA A 1 -2.80 -3.35 -2.46
H PCA A 1 -1.90 -4.29 -5.95
HA PCA A 1 -0.23 -4.40 -4.12
HB2 PCA A 1 0.58 -2.25 -4.00
HB3 PCA A 1 -0.57 -2.03 -2.64
HG2 PCA A 1 -0.64 -0.53 -5.00
HG3 PCA A 1 -2.10 -0.90 -4.04
N PRO A 2 -2.06 -5.49 -2.75
CA PRO A 2 -2.98 -6.07 -1.79
C PRO A 2 -2.54 -5.77 -0.36
N ASP A 3 -1.26 -5.47 -0.21
CA ASP A 3 -0.71 -5.16 1.10
C ASP A 3 -1.17 -3.77 1.52
N PRO A 4 -1.64 -3.69 2.79
CA PRO A 4 -2.11 -2.43 3.34
C PRO A 4 -0.95 -1.50 3.68
N ASN A 5 0.18 -2.13 4.03
CA ASN A 5 1.37 -1.37 4.37
C ASN A 5 1.93 -0.70 3.12
N ALA A 6 2.02 -1.49 2.06
CA ALA A 6 2.53 -1.00 0.79
C ALA A 6 1.49 -0.11 0.13
N PHE A 7 0.23 -0.34 0.51
CA PHE A 7 -0.88 0.43 -0.04
C PHE A 7 -0.76 1.91 0.35
N TYR A 8 -0.12 2.14 1.48
CA TYR A 8 0.06 3.49 1.98
C TYR A 8 1.14 4.23 1.17
N GLY A 9 2.05 3.44 0.62
CA GLY A 9 3.13 4.00 -0.17
C GLY A 9 2.64 4.47 -1.54
N LEU A 10 1.50 3.92 -1.94
CA LEU A 10 0.90 4.26 -3.22
C LEU A 10 0.60 5.76 -3.25
N MET A 11 0.48 6.34 -2.07
CA MET A 11 0.20 7.76 -1.94
C MET A 11 1.46 8.59 -2.19
N PCA A 1 -0.66 -6.76 -5.26
CA PCA A 1 -0.66 -6.99 -3.83
CB PCA A 1 0.84 -7.05 -3.45
CG PCA A 1 1.54 -6.33 -4.60
CD PCA A 1 0.53 -6.40 -5.73
OE PCA A 1 0.81 -6.22 -6.92
C PCA A 1 -1.39 -5.87 -3.08
O PCA A 1 -0.82 -4.80 -2.85
H PCA A 1 -1.48 -6.93 -5.83
HA PCA A 1 -1.13 -7.94 -3.60
HB2 PCA A 1 1.16 -8.10 -3.44
HB3 PCA A 1 1.06 -6.58 -2.49
HG2 PCA A 1 2.47 -6.83 -4.88
HG3 PCA A 1 1.73 -5.29 -4.35
N PRO A 2 -2.68 -6.15 -2.72
CA PRO A 2 -3.49 -5.17 -2.03
C PRO A 2 -3.07 -5.06 -0.56
N ASP A 3 -1.76 -5.03 -0.35
CA ASP A 3 -1.22 -4.92 0.99
C ASP A 3 -1.48 -3.51 1.54
N PRO A 4 -1.76 -3.44 2.87
CA PRO A 4 -2.03 -2.17 3.50
C PRO A 4 -0.73 -1.38 3.71
N ASN A 5 0.36 -2.11 3.83
CA ASN A 5 1.66 -1.49 4.03
C ASN A 5 2.09 -0.79 2.73
N ALA A 6 1.94 -1.52 1.63
CA ALA A 6 2.30 -0.98 0.33
C ALA A 6 1.23 0.02 -0.12
N PHE A 7 0.05 -0.13 0.45
CA PHE A 7 -1.06 0.75 0.12
C PHE A 7 -0.77 2.18 0.56
N TYR A 8 0.06 2.29 1.60
CA TYR A 8 0.42 3.60 2.12
C TYR A 8 1.42 4.31 1.20
N GLY A 9 2.17 3.50 0.46
CA GLY A 9 3.15 4.03 -0.46
C GLY A 9 2.49 4.61 -1.71
N LEU A 10 1.27 4.17 -1.95
CA LEU A 10 0.52 4.63 -3.10
C LEU A 10 0.36 6.16 -3.02
N MET A 11 0.47 6.67 -1.81
CA MET A 11 0.35 8.09 -1.58
C MET A 11 1.70 8.79 -1.70
N PCA A 1 -0.49 -5.77 -5.41
CA PCA A 1 -0.33 -6.14 -4.02
CB PCA A 1 1.12 -5.79 -3.67
CG PCA A 1 1.52 -4.77 -4.74
CD PCA A 1 0.52 -5.00 -5.85
OE PCA A 1 0.67 -4.61 -7.01
C PCA A 1 -1.33 -5.40 -3.13
O PCA A 1 -1.09 -4.25 -2.77
H PCA A 1 -1.24 -6.10 -5.99
HA PCA A 1 -0.49 -7.22 -3.91
HB2 PCA A 1 1.74 -6.68 -3.79
HB3 PCA A 1 1.24 -5.39 -2.66
HG2 PCA A 1 2.54 -4.92 -5.08
HG3 PCA A 1 1.39 -3.76 -4.36
N PRO A 2 -2.46 -6.08 -2.80
CA PRO A 2 -3.49 -5.48 -1.97
C PRO A 2 -3.06 -5.43 -0.51
N ASP A 3 -1.80 -5.03 -0.31
CA ASP A 3 -1.26 -4.93 1.03
C ASP A 3 -1.51 -3.53 1.58
N PRO A 4 -1.79 -3.47 2.91
CA PRO A 4 -2.05 -2.20 3.56
C PRO A 4 -0.75 -1.41 3.76
N ASN A 5 0.34 -2.14 3.88
CA ASN A 5 1.64 -1.52 4.07
C ASN A 5 2.05 -0.82 2.78
N ALA A 6 1.90 -1.53 1.67
CA ALA A 6 2.26 -0.99 0.37
C ALA A 6 1.20 0.01 -0.07
N PHE A 7 0.01 -0.15 0.51
CA PHE A 7 -1.09 0.74 0.18
C PHE A 7 -0.81 2.17 0.62
N TYR A 8 0.02 2.28 1.65
CA TYR A 8 0.39 3.58 2.18
C TYR A 8 1.38 4.29 1.26
N GLY A 9 2.13 3.48 0.52
CA GLY A 9 3.12 4.01 -0.40
C GLY A 9 2.45 4.61 -1.64
N LEU A 10 1.22 4.17 -1.88
CA LEU A 10 0.46 4.63 -3.03
C LEU A 10 0.35 6.15 -2.97
N MET A 11 0.52 6.68 -1.77
CA MET A 11 0.44 8.12 -1.57
C MET A 11 1.77 8.81 -1.90
N PCA A 1 -1.01 -5.95 -5.55
CA PCA A 1 -0.66 -6.26 -4.18
CB PCA A 1 0.79 -5.78 -4.02
CG PCA A 1 0.98 -4.77 -5.16
CD PCA A 1 -0.13 -5.13 -6.14
OE PCA A 1 -0.14 -4.78 -7.31
C PCA A 1 -1.60 -5.55 -3.20
O PCA A 1 -1.42 -4.37 -2.91
H PCA A 1 -1.80 -6.37 -6.03
HA PCA A 1 -0.72 -7.34 -4.02
HB2 PCA A 1 1.47 -6.64 -4.19
HB3 PCA A 1 1.00 -5.34 -3.04
HG2 PCA A 1 1.96 -4.87 -5.62
HG3 PCA A 1 0.82 -3.77 -4.80
N PRO A 2 -2.62 -6.32 -2.71
CA PRO A 2 -3.59 -5.76 -1.78
C PRO A 2 -2.98 -5.60 -0.38
N ASP A 3 -1.76 -5.11 -0.35
CA ASP A 3 -1.06 -4.90 0.91
C ASP A 3 -1.39 -3.51 1.45
N PRO A 4 -1.74 -3.47 2.76
CA PRO A 4 -2.08 -2.21 3.41
C PRO A 4 -0.82 -1.38 3.68
N ASN A 5 0.29 -2.08 3.88
CA ASN A 5 1.56 -1.42 4.14
C ASN A 5 2.03 -0.72 2.86
N ALA A 6 1.96 -1.45 1.77
CA ALA A 6 2.38 -0.90 0.48
C ALA A 6 1.32 0.07 -0.03
N PHE A 7 0.10 -0.11 0.47
CA PHE A 7 -1.00 0.75 0.08
C PHE A 7 -0.76 2.19 0.53
N TYR A 8 0.00 2.33 1.60
CA TYR A 8 0.32 3.65 2.14
C TYR A 8 1.34 4.36 1.27
N GLY A 9 2.14 3.57 0.58
CA GLY A 9 3.18 4.11 -0.29
C GLY A 9 2.57 4.68 -1.58
N LEU A 10 1.37 4.21 -1.88
CA LEU A 10 0.67 4.65 -3.07
C LEU A 10 0.47 6.17 -3.00
N MET A 11 0.49 6.68 -1.78
CA MET A 11 0.30 8.10 -1.55
C MET A 11 1.62 8.87 -1.74
N PCA A 1 0.16 -5.22 -5.03
CA PCA A 1 -0.38 -6.09 -4.02
CB PCA A 1 0.85 -6.58 -3.23
CG PCA A 1 1.92 -5.54 -3.54
CD PCA A 1 1.43 -4.88 -4.81
OE PCA A 1 2.14 -4.21 -5.55
C PCA A 1 -1.38 -5.36 -3.12
O PCA A 1 -1.16 -4.20 -2.76
H PCA A 1 -0.37 -4.94 -5.85
HA PCA A 1 -0.88 -6.94 -4.49
HB2 PCA A 1 1.17 -7.55 -3.64
HB3 PCA A 1 0.66 -6.68 -2.15
HG2 PCA A 1 2.90 -5.99 -3.67
HG3 PCA A 1 1.97 -4.79 -2.74
N PRO A 2 -2.49 -6.06 -2.78
CA PRO A 2 -3.52 -5.47 -1.95
C PRO A 2 -3.08 -5.41 -0.48
N ASP A 3 -1.82 -5.05 -0.29
CA ASP A 3 -1.26 -4.93 1.05
C ASP A 3 -1.51 -3.53 1.59
N PRO A 4 -1.77 -3.47 2.92
CA PRO A 4 -2.03 -2.20 3.58
C PRO A 4 -0.73 -1.40 3.75
N ASN A 5 0.37 -2.13 3.85
CA ASN A 5 1.67 -1.51 4.03
C ASN A 5 2.07 -0.80 2.74
N ALA A 6 1.90 -1.52 1.63
CA ALA A 6 2.24 -0.99 0.32
C ALA A 6 1.17 0.01 -0.11
N PHE A 7 0.00 -0.15 0.48
CA PHE A 7 -1.13 0.73 0.17
C PHE A 7 -0.84 2.17 0.61
N TYR A 8 0.00 2.28 1.62
CA TYR A 8 0.38 3.58 2.15
C TYR A 8 1.36 4.29 1.21
N GLY A 9 2.09 3.49 0.46
CA GLY A 9 3.07 4.02 -0.47
C GLY A 9 2.38 4.60 -1.71
N LEU A 10 1.16 4.16 -1.93
CA LEU A 10 0.39 4.62 -3.07
C LEU A 10 0.26 6.15 -3.02
N MET A 11 0.47 6.68 -1.82
CA MET A 11 0.38 8.11 -1.62
C MET A 11 1.69 8.80 -2.04
N PCA A 1 0.15 -5.27 -4.98
CA PCA A 1 -0.40 -6.14 -3.96
CB PCA A 1 0.83 -6.63 -3.17
CG PCA A 1 1.91 -5.57 -3.48
CD PCA A 1 1.42 -4.93 -4.76
OE PCA A 1 2.13 -4.27 -5.50
C PCA A 1 -1.40 -5.39 -3.07
O PCA A 1 -1.17 -4.24 -2.72
H PCA A 1 -0.38 -5.00 -5.80
HA PCA A 1 -0.90 -6.99 -4.42
HB2 PCA A 1 1.15 -7.58 -3.56
HB3 PCA A 1 0.64 -6.71 -2.09
HG2 PCA A 1 2.88 -6.03 -3.62
HG3 PCA A 1 1.95 -4.82 -2.69
N PRO A 2 -2.52 -6.10 -2.72
CA PRO A 2 -3.55 -5.50 -1.89
C PRO A 2 -3.09 -5.41 -0.44
N ASP A 3 -1.84 -5.05 -0.25
CA ASP A 3 -1.28 -4.92 1.08
C ASP A 3 -1.52 -3.51 1.61
N PRO A 4 -1.77 -3.42 2.94
CA PRO A 4 -2.03 -2.14 3.58
C PRO A 4 -0.73 -1.35 3.73
N ASN A 5 0.37 -2.08 3.85
CA ASN A 5 1.68 -1.46 4.01
C ASN A 5 2.08 -0.78 2.70
N ALA A 6 1.90 -1.52 1.61
CA ALA A 6 2.24 -1.01 0.30
C ALA A 6 1.18 -0.01 -0.16
N PHE A 7 0.00 -0.15 0.44
CA PHE A 7 -1.11 0.72 0.11
C PHE A 7 -0.81 2.17 0.54
N TYR A 8 0.03 2.30 1.55
CA TYR A 8 0.41 3.61 2.05
C TYR A 8 1.40 4.30 1.11
N GLY A 9 2.13 3.47 0.37
CA GLY A 9 3.10 3.99 -0.58
C GLY A 9 2.42 4.55 -1.82
N LEU A 10 1.19 4.11 -2.03
CA LEU A 10 0.42 4.57 -3.18
C LEU A 10 0.27 6.09 -3.12
N MET A 11 0.40 6.62 -1.91
CA MET A 11 0.28 8.04 -1.70
C MET A 11 1.63 8.74 -1.88
N PCA A 1 0.17 -5.29 -5.03
CA PCA A 1 -0.38 -6.15 -4.01
CB PCA A 1 0.83 -6.67 -3.22
CG PCA A 1 1.93 -5.65 -3.53
CD PCA A 1 1.45 -4.98 -4.81
OE PCA A 1 2.18 -4.34 -5.55
C PCA A 1 -1.37 -5.39 -3.12
O PCA A 1 -1.12 -4.23 -2.77
H PCA A 1 -0.34 -5.00 -5.86
HA PCA A 1 -0.91 -6.99 -4.49
HB2 PCA A 1 1.13 -7.64 -3.62
HB3 PCA A 1 0.64 -6.76 -2.14
HG2 PCA A 1 2.90 -6.13 -3.66
HG3 PCA A 1 1.98 -4.90 -2.74
N PRO A 2 -2.50 -6.07 -2.78
CA PRO A 2 -3.53 -5.45 -1.95
C PRO A 2 -3.08 -5.38 -0.49
N ASP A 3 -1.81 -5.04 -0.30
CA ASP A 3 -1.25 -4.94 1.04
C ASP A 3 -1.51 -3.54 1.58
N PRO A 4 -1.76 -3.48 2.92
CA PRO A 4 -2.02 -2.21 3.58
C PRO A 4 -0.73 -1.41 3.76
N ASN A 5 0.37 -2.14 3.85
CA ASN A 5 1.67 -1.51 4.03
C ASN A 5 2.07 -0.81 2.73
N ALA A 6 1.91 -1.53 1.62
CA ALA A 6 2.23 -0.98 0.32
C ALA A 6 1.16 0.02 -0.11
N PHE A 7 -0.01 -0.15 0.49
CA PHE A 7 -1.14 0.72 0.18
C PHE A 7 -0.85 2.16 0.62
N TYR A 8 0.00 2.28 1.64
CA TYR A 8 0.36 3.57 2.16
C TYR A 8 1.34 4.29 1.23
N GLY A 9 2.08 3.49 0.47
CA GLY A 9 3.05 4.03 -0.46
C GLY A 9 2.36 4.61 -1.70
N LEU A 10 1.13 4.17 -1.91
CA LEU A 10 0.35 4.63 -3.05
C LEU A 10 0.28 6.17 -3.01
N MET A 11 0.48 6.71 -1.82
CA MET A 11 0.44 8.14 -1.64
C MET A 11 1.81 8.78 -1.92
N PCA A 1 -0.43 -5.30 -5.29
CA PCA A 1 -0.71 -6.19 -4.17
CB PCA A 1 0.67 -6.49 -3.55
CG PCA A 1 1.56 -5.34 -4.05
CD PCA A 1 0.81 -4.82 -5.26
OE PCA A 1 1.33 -4.12 -6.13
C PCA A 1 -1.66 -5.52 -3.16
O PCA A 1 -1.51 -4.34 -2.87
H PCA A 1 -1.08 -5.14 -6.04
HA PCA A 1 -1.17 -7.11 -4.53
HB2 PCA A 1 1.03 -7.44 -3.97
HB3 PCA A 1 0.65 -6.56 -2.46
HG2 PCA A 1 2.55 -5.70 -4.31
HG3 PCA A 1 1.61 -4.56 -3.29
N PRO A 2 -2.64 -6.32 -2.66
CA PRO A 2 -3.60 -5.81 -1.71
C PRO A 2 -2.98 -5.64 -0.32
N ASP A 3 -1.75 -5.13 -0.32
CA ASP A 3 -1.03 -4.92 0.93
C ASP A 3 -1.37 -3.53 1.46
N PRO A 4 -1.70 -3.49 2.79
CA PRO A 4 -2.03 -2.23 3.44
C PRO A 4 -0.79 -1.38 3.68
N ASN A 5 0.33 -2.07 3.86
CA ASN A 5 1.60 -1.39 4.10
C ASN A 5 2.04 -0.69 2.82
N ALA A 6 1.96 -1.43 1.72
CA ALA A 6 2.35 -0.89 0.43
C ALA A 6 1.27 0.08 -0.07
N PHE A 7 0.08 -0.11 0.46
CA PHE A 7 -1.05 0.73 0.07
C PHE A 7 -0.82 2.18 0.51
N TYR A 8 -0.04 2.32 1.58
CA TYR A 8 0.26 3.65 2.09
C TYR A 8 1.27 4.37 1.21
N GLY A 9 2.07 3.57 0.51
CA GLY A 9 3.09 4.13 -0.38
C GLY A 9 2.45 4.67 -1.66
N LEU A 10 1.25 4.20 -1.95
CA LEU A 10 0.53 4.63 -3.12
C LEU A 10 0.38 6.16 -3.10
N MET A 11 0.51 6.71 -1.91
CA MET A 11 0.40 8.15 -1.73
C MET A 11 1.74 8.84 -1.99
N PCA A 1 -0.53 -5.86 -5.33
CA PCA A 1 -0.91 -6.62 -4.15
CB PCA A 1 0.43 -7.05 -3.52
CG PCA A 1 1.44 -6.05 -4.10
CD PCA A 1 0.75 -5.53 -5.35
OE PCA A 1 1.34 -4.95 -6.25
C PCA A 1 -1.77 -5.78 -3.20
O PCA A 1 -1.48 -4.61 -3.01
H PCA A 1 -1.18 -5.67 -6.09
HA PCA A 1 -1.48 -7.50 -4.46
HB2 PCA A 1 0.68 -8.05 -3.88
HB3 PCA A 1 0.40 -7.03 -2.43
HG2 PCA A 1 2.39 -6.54 -4.34
HG3 PCA A 1 1.60 -5.24 -3.39
N PRO A 2 -2.81 -6.43 -2.62
CA PRO A 2 -3.70 -5.74 -1.70
C PRO A 2 -3.04 -5.53 -0.35
N ASP A 3 -1.76 -5.17 -0.39
CA ASP A 3 -1.00 -4.94 0.82
C ASP A 3 -1.35 -3.55 1.38
N PRO A 4 -1.70 -3.53 2.69
CA PRO A 4 -2.05 -2.28 3.35
C PRO A 4 -0.81 -1.45 3.64
N ASN A 5 0.30 -2.14 3.83
CA ASN A 5 1.56 -1.48 4.10
C ASN A 5 2.05 -0.74 2.85
N ALA A 6 1.98 -1.46 1.74
CA ALA A 6 2.41 -0.90 0.46
C ALA A 6 1.34 0.09 -0.04
N PHE A 7 0.13 -0.12 0.46
CA PHE A 7 -0.99 0.73 0.07
C PHE A 7 -0.77 2.17 0.54
N TYR A 8 -0.02 2.30 1.62
CA TYR A 8 0.27 3.61 2.18
C TYR A 8 1.31 4.35 1.33
N GLY A 9 2.12 3.57 0.63
CA GLY A 9 3.15 4.15 -0.22
C GLY A 9 2.55 4.72 -1.50
N LEU A 10 1.35 4.25 -1.82
CA LEU A 10 0.65 4.70 -3.00
C LEU A 10 0.52 6.23 -2.96
N MET A 11 0.65 6.77 -1.76
CA MET A 11 0.55 8.21 -1.56
C MET A 11 1.82 8.91 -2.04
N PCA A 1 -0.56 -6.02 -5.30
CA PCA A 1 -0.93 -6.74 -4.09
CB PCA A 1 0.41 -7.15 -3.45
CG PCA A 1 1.42 -6.17 -4.08
CD PCA A 1 0.73 -5.69 -5.34
OE PCA A 1 1.31 -5.16 -6.27
C PCA A 1 -1.76 -5.85 -3.15
O PCA A 1 -1.47 -4.67 -3.00
H PCA A 1 -1.21 -5.85 -6.05
HA PCA A 1 -1.50 -7.63 -4.34
HB2 PCA A 1 0.66 -8.16 -3.77
HB3 PCA A 1 0.41 -7.09 -2.36
HG2 PCA A 1 2.37 -6.68 -4.32
HG3 PCA A 1 1.60 -5.33 -3.41
N PRO A 2 -2.80 -6.48 -2.54
CA PRO A 2 -3.69 -5.75 -1.65
C PRO A 2 -3.00 -5.50 -0.29
N ASP A 3 -1.73 -5.15 -0.37
CA ASP A 3 -0.95 -4.89 0.84
C ASP A 3 -1.31 -3.50 1.37
N PRO A 4 -1.66 -3.47 2.69
CA PRO A 4 -2.03 -2.22 3.34
C PRO A 4 -0.79 -1.36 3.61
N ASN A 5 0.33 -2.04 3.81
CA ASN A 5 1.58 -1.36 4.08
C ASN A 5 2.06 -0.65 2.80
N ALA A 6 2.00 -1.37 1.70
CA ALA A 6 2.42 -0.83 0.42
C ALA A 6 1.33 0.13 -0.10
N PHE A 7 0.13 -0.07 0.41
CA PHE A 7 -0.99 0.76 0.01
C PHE A 7 -0.78 2.21 0.45
N TYR A 8 -0.03 2.36 1.52
CA TYR A 8 0.25 3.68 2.06
C TYR A 8 1.28 4.41 1.20
N GLY A 9 2.10 3.63 0.50
CA GLY A 9 3.12 4.19 -0.36
C GLY A 9 2.51 4.74 -1.65
N LEU A 10 1.32 4.26 -1.95
CA LEU A 10 0.62 4.68 -3.15
C LEU A 10 0.43 6.21 -3.10
N MET A 11 0.46 6.73 -1.89
CA MET A 11 0.29 8.17 -1.69
C MET A 11 1.63 8.89 -1.75
N PCA A 1 0.33 -5.05 -4.01
CA PCA A 1 -0.45 -3.83 -3.96
CB PCA A 1 -0.88 -3.57 -5.41
CG PCA A 1 -0.75 -4.93 -6.09
CD PCA A 1 0.20 -5.70 -5.17
OE PCA A 1 0.80 -6.71 -5.51
C PCA A 1 -1.66 -3.98 -3.03
O PCA A 1 -2.19 -2.98 -2.54
H PCA A 1 0.95 -5.34 -3.27
HA PCA A 1 0.17 -3.01 -3.60
HB2 PCA A 1 -0.16 -2.88 -5.87
HB3 PCA A 1 -1.89 -3.16 -5.50
HG2 PCA A 1 -0.35 -4.84 -7.09
HG3 PCA A 1 -1.71 -5.44 -6.12
N PRO A 2 -2.08 -5.26 -2.80
CA PRO A 2 -3.22 -5.53 -1.96
C PRO A 2 -2.86 -5.37 -0.47
N ASP A 3 -1.56 -5.30 -0.22
CA ASP A 3 -1.08 -5.14 1.14
C ASP A 3 -1.40 -3.72 1.63
N PRO A 4 -1.73 -3.62 2.94
CA PRO A 4 -2.05 -2.34 3.53
C PRO A 4 -0.78 -1.49 3.74
N ASN A 5 0.33 -2.19 3.92
CA ASN A 5 1.60 -1.52 4.14
C ASN A 5 2.05 -0.85 2.84
N ALA A 6 1.96 -1.61 1.76
CA ALA A 6 2.34 -1.11 0.45
C ALA A 6 1.27 -0.17 -0.07
N PHE A 7 0.07 -0.34 0.47
CA PHE A 7 -1.06 0.50 0.07
C PHE A 7 -0.83 1.96 0.48
N TYR A 8 -0.04 2.13 1.53
CA TYR A 8 0.26 3.47 2.01
C TYR A 8 1.27 4.17 1.11
N GLY A 9 2.07 3.36 0.42
CA GLY A 9 3.08 3.89 -0.48
C GLY A 9 2.43 4.40 -1.78
N LEU A 10 1.23 3.91 -2.04
CA LEU A 10 0.50 4.32 -3.22
C LEU A 10 0.28 5.84 -3.20
N MET A 11 0.35 6.39 -2.00
CA MET A 11 0.17 7.82 -1.82
C MET A 11 1.40 8.59 -2.27
N PCA A 1 -0.19 -4.52 -4.28
CA PCA A 1 -1.29 -3.59 -4.08
CB PCA A 1 -1.97 -3.48 -5.45
CG PCA A 1 -1.52 -4.75 -6.19
CD PCA A 1 -0.28 -5.19 -5.43
OE PCA A 1 0.55 -5.97 -5.87
C PCA A 1 -2.26 -4.09 -3.00
O PCA A 1 -2.99 -3.29 -2.42
H PCA A 1 0.59 -4.60 -3.63
HA PCA A 1 -0.89 -2.62 -3.78
HB2 PCA A 1 -1.56 -2.60 -5.98
HB3 PCA A 1 -3.06 -3.39 -5.40
HG2 PCA A 1 -1.31 -4.55 -7.24
HG3 PCA A 1 -2.29 -5.52 -6.10
N PRO A 2 -2.24 -5.43 -2.77
CA PRO A 2 -3.12 -6.03 -1.78
C PRO A 2 -2.63 -5.74 -0.36
N ASP A 3 -1.34 -5.45 -0.26
CA ASP A 3 -0.75 -5.15 1.03
C ASP A 3 -1.18 -3.75 1.48
N PRO A 4 -1.61 -3.68 2.77
CA PRO A 4 -2.06 -2.42 3.34
C PRO A 4 -0.87 -1.50 3.65
N ASN A 5 0.26 -2.14 3.95
CA ASN A 5 1.47 -1.40 4.27
C ASN A 5 1.99 -0.72 2.99
N ALA A 6 2.03 -1.50 1.93
CA ALA A 6 2.51 -0.99 0.65
C ALA A 6 1.43 -0.09 0.02
N PHE A 7 0.20 -0.33 0.46
CA PHE A 7 -0.92 0.46 -0.05
C PHE A 7 -0.79 1.92 0.35
N TYR A 8 -0.11 2.15 1.45
CA TYR A 8 0.10 3.50 1.95
C TYR A 8 1.15 4.23 1.12
N GLY A 9 2.03 3.46 0.52
CA GLY A 9 3.09 4.01 -0.31
C GLY A 9 2.54 4.49 -1.65
N LEU A 10 1.39 3.95 -2.01
CA LEU A 10 0.74 4.30 -3.26
C LEU A 10 0.49 5.81 -3.30
N MET A 11 0.46 6.40 -2.11
CA MET A 11 0.24 7.83 -1.99
C MET A 11 1.48 8.62 -2.40
N PCA A 1 -0.28 -4.31 -4.29
CA PCA A 1 -1.44 -3.48 -4.03
CB PCA A 1 -2.14 -3.36 -5.39
CG PCA A 1 -1.63 -4.56 -6.18
CD PCA A 1 -0.34 -4.93 -5.46
OE PCA A 1 0.54 -5.64 -5.95
C PCA A 1 -2.35 -4.10 -2.96
O PCA A 1 -3.13 -3.38 -2.35
H PCA A 1 0.50 -4.38 -3.65
HA PCA A 1 -1.10 -2.49 -3.69
HB2 PCA A 1 -1.80 -2.44 -5.88
HB3 PCA A 1 -3.23 -3.35 -5.32
HG2 PCA A 1 -1.43 -4.29 -7.22
HG3 PCA A 1 -2.33 -5.38 -6.12
N PRO A 2 -2.23 -5.44 -2.80
CA PRO A 2 -3.07 -6.15 -1.83
C PRO A 2 -2.58 -5.89 -0.40
N ASP A 3 -1.33 -5.45 -0.30
CA ASP A 3 -0.74 -5.16 0.99
C ASP A 3 -1.18 -3.78 1.45
N PRO A 4 -1.62 -3.71 2.73
CA PRO A 4 -2.08 -2.45 3.31
C PRO A 4 -0.90 -1.54 3.64
N ASN A 5 0.23 -2.17 3.95
CA ASN A 5 1.43 -1.44 4.28
C ASN A 5 1.97 -0.74 3.02
N ALA A 6 2.02 -1.51 1.94
CA ALA A 6 2.51 -0.99 0.68
C ALA A 6 1.44 -0.09 0.05
N PHE A 7 0.20 -0.33 0.47
CA PHE A 7 -0.92 0.46 -0.04
C PHE A 7 -0.79 1.92 0.38
N TYR A 8 -0.12 2.14 1.49
CA TYR A 8 0.08 3.48 2.00
C TYR A 8 1.13 4.23 1.19
N GLY A 9 2.03 3.46 0.59
CA GLY A 9 3.10 4.03 -0.22
C GLY A 9 2.56 4.51 -1.57
N LEU A 10 1.40 3.97 -1.94
CA LEU A 10 0.78 4.34 -3.20
C LEU A 10 0.58 5.86 -3.24
N MET A 11 0.55 6.45 -2.06
CA MET A 11 0.37 7.88 -1.94
C MET A 11 1.70 8.62 -2.10
N PCA A 1 -0.38 -4.63 -4.35
CA PCA A 1 -1.50 -3.74 -4.08
CB PCA A 1 -2.25 -3.64 -5.42
CG PCA A 1 -1.80 -4.89 -6.19
CD PCA A 1 -0.52 -5.29 -5.49
OE PCA A 1 0.31 -6.04 -5.99
C PCA A 1 -2.40 -4.28 -2.96
O PCA A 1 -3.12 -3.51 -2.33
H PCA A 1 0.42 -4.69 -3.74
HA PCA A 1 -1.12 -2.76 -3.80
HB2 PCA A 1 -1.90 -2.75 -5.96
HB3 PCA A 1 -3.34 -3.59 -5.30
HG2 PCA A 1 -1.65 -4.68 -7.24
HG3 PCA A 1 -2.54 -5.69 -6.07
N PRO A 2 -2.32 -5.62 -2.74
CA PRO A 2 -3.13 -6.25 -1.72
C PRO A 2 -2.59 -5.96 -0.32
N ASP A 3 -1.37 -5.44 -0.30
CA ASP A 3 -0.72 -5.11 0.97
C ASP A 3 -1.17 -3.72 1.41
N PRO A 4 -1.63 -3.65 2.69
CA PRO A 4 -2.09 -2.39 3.26
C PRO A 4 -0.90 -1.47 3.59
N ASN A 5 0.22 -2.10 3.91
CA ASN A 5 1.42 -1.36 4.25
C ASN A 5 1.97 -0.68 2.99
N ALA A 6 2.03 -1.46 1.92
CA ALA A 6 2.53 -0.94 0.66
C ALA A 6 1.47 -0.04 0.01
N PHE A 7 0.23 -0.27 0.42
CA PHE A 7 -0.89 0.51 -0.10
C PHE A 7 -0.77 1.97 0.31
N TYR A 8 -0.11 2.20 1.43
CA TYR A 8 0.08 3.55 1.93
C TYR A 8 1.15 4.28 1.13
N GLY A 9 2.05 3.50 0.54
CA GLY A 9 3.12 4.07 -0.26
C GLY A 9 2.60 4.55 -1.61
N LEU A 10 1.45 4.01 -2.00
CA LEU A 10 0.84 4.37 -3.26
C LEU A 10 0.55 5.87 -3.27
N MET A 11 0.51 6.44 -2.08
CA MET A 11 0.25 7.88 -1.94
C MET A 11 1.49 8.69 -2.29
N PCA A 1 -0.54 -7.54 -4.00
CA PCA A 1 -0.38 -6.10 -4.10
CB PCA A 1 -0.60 -5.78 -5.58
CG PCA A 1 -1.39 -6.98 -6.10
CD PCA A 1 -1.10 -8.06 -5.08
OE PCA A 1 -1.28 -9.26 -5.29
C PCA A 1 -1.36 -5.36 -3.19
O PCA A 1 -1.12 -4.21 -2.83
H PCA A 1 -0.21 -8.07 -3.21
HA PCA A 1 0.65 -5.83 -3.81
HB2 PCA A 1 0.36 -5.74 -6.09
HB3 PCA A 1 -1.13 -4.83 -5.75
HG2 PCA A 1 -1.07 -7.27 -7.10
HG3 PCA A 1 -2.47 -6.77 -6.10
N PRO A 2 -2.48 -6.05 -2.85
CA PRO A 2 -3.50 -5.45 -2.00
C PRO A 2 -3.05 -5.40 -0.54
N ASP A 3 -1.79 -4.99 -0.37
CA ASP A 3 -1.22 -4.89 0.97
C ASP A 3 -1.48 -3.48 1.52
N PRO A 4 -1.73 -3.42 2.86
CA PRO A 4 -2.00 -2.16 3.51
C PRO A 4 -0.70 -1.35 3.69
N ASN A 5 0.40 -2.09 3.79
CA ASN A 5 1.69 -1.45 3.96
C ASN A 5 2.09 -0.75 2.66
N ALA A 6 1.93 -1.48 1.56
CA ALA A 6 2.26 -0.93 0.25
C ALA A 6 1.18 0.06 -0.17
N PHE A 7 0.01 -0.09 0.41
CA PHE A 7 -1.11 0.78 0.11
C PHE A 7 -0.82 2.22 0.56
N TYR A 8 0.02 2.32 1.57
CA TYR A 8 0.39 3.63 2.09
C TYR A 8 1.36 4.35 1.16
N GLY A 9 2.10 3.55 0.41
CA GLY A 9 3.07 4.09 -0.53
C GLY A 9 2.38 4.68 -1.77
N LEU A 10 1.15 4.22 -1.98
CA LEU A 10 0.37 4.69 -3.12
C LEU A 10 0.26 6.21 -3.05
N MET A 11 0.46 6.74 -1.86
CA MET A 11 0.38 8.17 -1.65
C MET A 11 1.73 8.85 -1.87
N PCA A 1 -0.57 -7.52 -4.04
CA PCA A 1 -0.39 -6.08 -4.13
CB PCA A 1 -0.61 -5.75 -5.62
CG PCA A 1 -1.41 -6.94 -6.15
CD PCA A 1 -1.13 -8.04 -5.13
OE PCA A 1 -1.32 -9.23 -5.36
C PCA A 1 -1.37 -5.34 -3.23
O PCA A 1 -1.12 -4.19 -2.86
H PCA A 1 -0.25 -8.07 -3.26
HA PCA A 1 0.63 -5.83 -3.84
HB2 PCA A 1 0.36 -5.72 -6.12
HB3 PCA A 1 -1.13 -4.79 -5.77
HG2 PCA A 1 -1.08 -7.22 -7.15
HG3 PCA A 1 -2.47 -6.71 -6.15
N PRO A 2 -2.50 -6.03 -2.89
CA PRO A 2 -3.52 -5.43 -2.04
C PRO A 2 -3.07 -5.39 -0.59
N ASP A 3 -1.82 -5.00 -0.39
CA ASP A 3 -1.25 -4.91 0.94
C ASP A 3 -1.51 -3.51 1.50
N PRO A 4 -1.77 -3.47 2.84
CA PRO A 4 -2.02 -2.20 3.51
C PRO A 4 -0.73 -1.42 3.70
N ASN A 5 0.37 -2.15 3.80
CA ASN A 5 1.67 -1.54 3.99
C ASN A 5 2.08 -0.82 2.70
N ALA A 6 1.92 -1.53 1.59
CA ALA A 6 2.27 -0.98 0.29
C ALA A 6 1.20 0.03 -0.13
N PHE A 7 0.02 -0.12 0.45
CA PHE A 7 -1.09 0.76 0.15
C PHE A 7 -0.79 2.19 0.61
N TYR A 8 0.04 2.29 1.63
CA TYR A 8 0.42 3.58 2.17
C TYR A 8 1.41 4.30 1.26
N GLY A 9 2.15 3.51 0.50
CA GLY A 9 3.12 4.05 -0.43
C GLY A 9 2.44 4.65 -1.67
N LEU A 10 1.22 4.21 -1.89
CA LEU A 10 0.45 4.70 -3.03
C LEU A 10 0.33 6.22 -2.95
N MET A 11 0.57 6.73 -1.75
CA MET A 11 0.48 8.17 -1.53
C MET A 11 1.84 8.83 -1.77
N PCA A 1 -0.87 -7.88 -3.89
CA PCA A 1 -0.49 -6.50 -4.06
CB PCA A 1 -0.64 -6.22 -5.56
CG PCA A 1 -1.60 -7.32 -6.04
CD PCA A 1 -1.48 -8.38 -4.96
OE PCA A 1 -1.82 -9.55 -5.11
C PCA A 1 -1.37 -5.57 -3.21
O PCA A 1 -0.97 -4.45 -2.91
H PCA A 1 -0.63 -8.42 -3.07
HA PCA A 1 0.56 -6.35 -3.76
HB2 PCA A 1 0.32 -6.35 -6.05
HB3 PCA A 1 -1.03 -5.22 -5.78
HG2 PCA A 1 -1.30 -7.71 -7.02
HG3 PCA A 1 -2.62 -6.95 -6.07
N PRO A 2 -2.58 -6.07 -2.86
CA PRO A 2 -3.51 -5.29 -2.06
C PRO A 2 -3.07 -5.22 -0.60
N ASP A 3 -1.78 -5.00 -0.41
CA ASP A 3 -1.23 -4.91 0.92
C ASP A 3 -1.48 -3.51 1.48
N PRO A 4 -1.75 -3.46 2.82
CA PRO A 4 -2.00 -2.20 3.49
C PRO A 4 -0.71 -1.41 3.68
N ASN A 5 0.38 -2.14 3.78
CA ASN A 5 1.68 -1.52 3.97
C ASN A 5 2.10 -0.80 2.68
N ALA A 6 1.94 -1.51 1.57
CA ALA A 6 2.29 -0.97 0.27
C ALA A 6 1.21 0.04 -0.15
N PHE A 7 0.03 -0.11 0.43
CA PHE A 7 -1.07 0.76 0.11
C PHE A 7 -0.79 2.19 0.57
N TYR A 8 0.06 2.29 1.60
CA TYR A 8 0.42 3.59 2.14
C TYR A 8 1.41 4.32 1.21
N GLY A 9 2.15 3.51 0.46
CA GLY A 9 3.13 4.06 -0.47
C GLY A 9 2.46 4.64 -1.71
N LEU A 10 1.23 4.21 -1.93
CA LEU A 10 0.47 4.68 -3.07
C LEU A 10 0.34 6.21 -3.00
N MET A 11 0.55 6.73 -1.80
CA MET A 11 0.47 8.16 -1.58
C MET A 11 1.82 8.84 -1.84
#